data_7EQ3
#
_entry.id   7EQ3
#
_cell.length_a   106.806
_cell.length_b   106.806
_cell.length_c   50.020
_cell.angle_alpha   90.000
_cell.angle_beta   90.000
_cell.angle_gamma   120.000
#
_symmetry.space_group_name_H-M   'P 31 2 1'
#
loop_
_entity.id
_entity.type
_entity.pdbx_description
1 polymer '9F8 diabody'
2 non-polymer 'ACETATE ION'
#
_entity_poly.entity_id   1
_entity_poly.type   'polypeptide(L)'
_entity_poly.pdbx_seq_one_letter_code
;AEVKLLESGPGLVAPSESLSITCTISGFSLTDDGVSWIRQPPGKGLEWLGVIWGGGSTYFNSLFKSRLSITRDNSKSQVF
LEMDSLQTDDTAMYYCAKHDGHETMDYWGQGTSVTVSSGGGGSEIVMTQSPKFMSTSIGDRVNITCKATQNVRTAVTWYQ
QKPGQSPQALIFLASNRHTGVPARFTGSGSGTDFTLTINNVKSEDLADYFCLQHWNYPLTFGSGTKLEIK
;
_entity_poly.pdbx_strand_id   A
#
# COMPACT_ATOMS: atom_id res chain seq x y z
N GLU A 2 -21.11 -17.11 17.11
CA GLU A 2 -19.99 -16.27 16.70
C GLU A 2 -19.53 -16.68 15.31
N VAL A 3 -19.47 -15.72 14.41
CA VAL A 3 -19.05 -15.98 13.04
C VAL A 3 -17.55 -15.90 12.96
N LYS A 4 -16.91 -16.91 12.39
CA LYS A 4 -15.46 -16.98 12.36
C LYS A 4 -14.97 -17.28 10.96
N LEU A 5 -13.91 -16.59 10.56
CA LEU A 5 -13.21 -16.92 9.32
C LEU A 5 -11.72 -16.73 9.57
N LEU A 6 -10.92 -17.74 9.27
CA LEU A 6 -9.48 -17.66 9.44
C LEU A 6 -8.79 -18.09 8.17
N GLU A 7 -7.91 -17.23 7.66
CA GLU A 7 -7.13 -17.49 6.46
C GLU A 7 -5.88 -18.29 6.80
N SER A 8 -5.49 -19.17 5.89
CA SER A 8 -4.27 -19.96 6.01
C SER A 8 -3.52 -19.83 4.70
N GLY A 9 -2.37 -19.16 4.72
CA GLY A 9 -1.62 -18.90 3.52
C GLY A 9 -0.12 -19.03 3.72
N PRO A 10 0.62 -19.16 2.62
CA PRO A 10 2.06 -19.45 2.74
C PRO A 10 2.86 -18.34 3.40
N GLY A 11 2.57 -17.08 3.09
CA GLY A 11 3.33 -16.00 3.66
C GLY A 11 4.46 -15.51 2.77
N LEU A 12 5.22 -16.44 2.20
CA LEU A 12 6.29 -16.11 1.26
C LEU A 12 6.12 -16.93 0.00
N VAL A 13 6.08 -16.25 -1.14
CA VAL A 13 5.97 -16.90 -2.44
C VAL A 13 6.97 -16.25 -3.40
N ALA A 14 7.66 -17.09 -4.17
CA ALA A 14 8.58 -16.56 -5.16
C ALA A 14 7.83 -16.13 -6.41
N PRO A 15 8.29 -15.07 -7.08
CA PRO A 15 7.64 -14.63 -8.32
C PRO A 15 7.52 -15.77 -9.33
N SER A 16 6.41 -15.77 -10.06
CA SER A 16 5.99 -16.75 -11.08
C SER A 16 5.35 -17.99 -10.46
N GLU A 17 5.32 -18.11 -9.13
CA GLU A 17 4.65 -19.23 -8.48
C GLU A 17 3.17 -18.93 -8.28
N SER A 18 2.45 -19.93 -7.78
CA SER A 18 1.03 -19.80 -7.52
C SER A 18 0.79 -19.39 -6.07
N LEU A 19 -0.49 -19.30 -5.69
CA LEU A 19 -0.87 -18.92 -4.34
C LEU A 19 -2.15 -19.65 -3.97
N SER A 20 -2.12 -20.40 -2.87
CA SER A 20 -3.27 -21.16 -2.40
C SER A 20 -3.54 -20.78 -0.95
N ILE A 21 -4.68 -20.13 -0.72
CA ILE A 21 -5.09 -19.69 0.60
C ILE A 21 -6.37 -20.43 0.97
N THR A 22 -6.49 -20.78 2.26
CA THR A 22 -7.62 -21.55 2.76
C THR A 22 -8.37 -20.72 3.79
N CYS A 23 -9.67 -20.50 3.56
CA CYS A 23 -10.54 -19.82 4.50
C CYS A 23 -11.32 -20.87 5.28
N THR A 24 -10.94 -21.08 6.54
CA THR A 24 -11.64 -22.01 7.41
C THR A 24 -12.72 -21.24 8.16
N ILE A 25 -13.98 -21.61 7.93
CA ILE A 25 -15.11 -20.83 8.41
C ILE A 25 -15.86 -21.62 9.47
N SER A 26 -16.58 -20.89 10.32
CA SER A 26 -17.44 -21.50 11.33
C SER A 26 -18.50 -20.47 11.72
N GLY A 27 -19.60 -20.97 12.27
CA GLY A 27 -20.68 -20.12 12.71
C GLY A 27 -21.72 -19.80 11.64
N PHE A 28 -21.51 -20.23 10.40
CA PHE A 28 -22.49 -20.05 9.34
C PHE A 28 -22.34 -21.19 8.35
N SER A 29 -23.22 -21.21 7.36
CA SER A 29 -23.33 -22.32 6.42
C SER A 29 -22.91 -21.89 5.03
N LEU A 30 -21.99 -22.64 4.43
CA LEU A 30 -21.57 -22.33 3.06
C LEU A 30 -22.66 -22.58 2.04
N THR A 31 -23.72 -23.32 2.42
CA THR A 31 -24.84 -23.50 1.51
C THR A 31 -25.66 -22.23 1.37
N ASP A 32 -25.68 -21.39 2.41
CA ASP A 32 -26.49 -20.18 2.45
C ASP A 32 -25.71 -18.94 2.04
N ASP A 33 -24.60 -18.66 2.70
CA ASP A 33 -23.89 -17.40 2.54
C ASP A 33 -22.71 -17.53 1.59
N GLY A 34 -22.44 -16.45 0.85
CA GLY A 34 -21.31 -16.41 -0.05
C GLY A 34 -20.05 -15.89 0.62
N VAL A 35 -18.91 -16.22 0.03
CA VAL A 35 -17.60 -15.84 0.56
C VAL A 35 -16.81 -15.16 -0.55
N SER A 36 -16.29 -13.96 -0.27
CA SER A 36 -15.50 -13.20 -1.21
C SER A 36 -14.04 -13.18 -0.78
N TRP A 37 -13.18 -12.89 -1.75
CA TRP A 37 -11.75 -12.71 -1.52
C TRP A 37 -11.38 -11.27 -1.82
N ILE A 38 -10.76 -10.61 -0.84
CA ILE A 38 -10.31 -9.23 -0.96
C ILE A 38 -8.82 -9.20 -0.61
N ARG A 39 -8.10 -8.25 -1.20
CA ARG A 39 -6.70 -8.06 -0.88
C ARG A 39 -6.41 -6.58 -0.67
N GLN A 40 -5.41 -6.30 0.14
CA GLN A 40 -5.03 -4.92 0.48
C GLN A 40 -3.52 -4.76 0.35
N PRO A 41 -3.04 -4.20 -0.76
CA PRO A 41 -1.61 -3.93 -0.87
C PRO A 41 -1.18 -2.88 0.14
N PRO A 42 0.09 -2.88 0.55
CA PRO A 42 0.54 -1.92 1.56
C PRO A 42 0.46 -0.49 1.04
N GLY A 43 -0.38 0.31 1.69
CA GLY A 43 -0.57 1.69 1.28
C GLY A 43 -1.48 1.90 0.10
N LYS A 44 -2.18 0.87 -0.37
CA LYS A 44 -3.11 0.94 -1.47
C LYS A 44 -4.55 0.79 -0.95
N GLY A 45 -5.50 0.77 -1.89
CA GLY A 45 -6.88 0.53 -1.55
C GLY A 45 -7.21 -0.95 -1.48
N LEU A 46 -8.42 -1.24 -1.02
CA LEU A 46 -8.92 -2.61 -1.00
C LEU A 46 -9.29 -3.04 -2.41
N GLU A 47 -9.04 -4.32 -2.72
CA GLU A 47 -9.27 -4.85 -4.06
C GLU A 47 -10.04 -6.16 -3.96
N TRP A 48 -11.21 -6.18 -4.57
CA TRP A 48 -12.06 -7.37 -4.57
C TRP A 48 -11.62 -8.31 -5.68
N LEU A 49 -11.43 -9.58 -5.34
CA LEU A 49 -10.95 -10.57 -6.29
C LEU A 49 -12.06 -11.41 -6.89
N GLY A 50 -12.96 -11.93 -6.06
CA GLY A 50 -14.02 -12.78 -6.55
C GLY A 50 -14.88 -13.25 -5.40
N VAL A 51 -15.89 -14.04 -5.75
CA VAL A 51 -16.88 -14.50 -4.79
C VAL A 51 -17.38 -15.87 -5.25
N ILE A 52 -17.64 -16.74 -4.29
CA ILE A 52 -18.41 -17.96 -4.50
C ILE A 52 -19.69 -17.83 -3.68
N TRP A 53 -20.83 -17.96 -4.35
CA TRP A 53 -22.11 -17.77 -3.69
C TRP A 53 -22.59 -19.09 -3.07
N GLY A 54 -23.66 -18.99 -2.27
CA GLY A 54 -24.16 -20.16 -1.56
C GLY A 54 -24.54 -21.30 -2.47
N GLY A 55 -25.00 -20.98 -3.69
CA GLY A 55 -25.30 -22.02 -4.65
C GLY A 55 -24.11 -22.50 -5.46
N GLY A 56 -22.95 -21.86 -5.30
CA GLY A 56 -21.75 -22.25 -6.02
C GLY A 56 -21.36 -21.35 -7.17
N SER A 57 -22.18 -20.35 -7.50
CA SER A 57 -21.84 -19.44 -8.59
C SER A 57 -20.58 -18.66 -8.25
N THR A 58 -19.60 -18.68 -9.17
CA THR A 58 -18.32 -18.01 -8.96
C THR A 58 -18.21 -16.85 -9.93
N TYR A 59 -17.99 -15.65 -9.38
CA TYR A 59 -17.71 -14.46 -10.17
C TYR A 59 -16.32 -13.94 -9.78
N PHE A 60 -15.64 -13.33 -10.75
CA PHE A 60 -14.27 -12.88 -10.55
C PHE A 60 -14.12 -11.44 -11.00
N ASN A 61 -13.16 -10.75 -10.39
CA ASN A 61 -12.79 -9.43 -10.88
C ASN A 61 -12.09 -9.57 -12.23
N SER A 62 -12.48 -8.73 -13.19
CA SER A 62 -11.96 -8.85 -14.55
C SER A 62 -10.44 -8.71 -14.60
N LEU A 63 -9.86 -7.97 -13.65
CA LEU A 63 -8.42 -7.73 -13.67
C LEU A 63 -7.62 -8.99 -13.39
N PHE A 64 -8.24 -10.04 -12.86
CA PHE A 64 -7.53 -11.27 -12.53
C PHE A 64 -8.04 -12.44 -13.37
N LYS A 65 -9.32 -12.78 -13.27
CA LYS A 65 -10.05 -13.66 -14.19
C LYS A 65 -9.23 -14.83 -14.72
N SER A 66 -8.18 -14.52 -15.48
CA SER A 66 -7.36 -15.54 -16.11
C SER A 66 -6.67 -16.44 -15.08
N ARG A 67 -6.29 -15.89 -13.94
CA ARG A 67 -5.43 -16.60 -13.00
C ARG A 67 -6.09 -16.89 -11.66
N LEU A 68 -7.38 -16.65 -11.51
CA LEU A 68 -8.04 -16.87 -10.23
C LEU A 68 -8.91 -18.13 -10.27
N SER A 69 -9.03 -18.77 -9.11
CA SER A 69 -9.90 -19.93 -8.93
C SER A 69 -10.43 -19.91 -7.51
N ILE A 70 -11.75 -20.04 -7.37
CA ILE A 70 -12.40 -20.02 -6.06
C ILE A 70 -13.26 -21.28 -5.96
N THR A 71 -12.88 -22.18 -5.06
CA THR A 71 -13.60 -23.42 -4.81
C THR A 71 -13.92 -23.50 -3.32
N ARG A 72 -14.53 -24.60 -2.89
CA ARG A 72 -14.87 -24.77 -1.48
C ARG A 72 -15.07 -26.26 -1.18
N ASP A 73 -15.34 -26.53 0.10
CA ASP A 73 -15.58 -27.88 0.61
C ASP A 73 -16.49 -27.73 1.81
N ASN A 74 -17.80 -27.92 1.57
CA ASN A 74 -18.80 -27.59 2.60
C ASN A 74 -18.71 -28.50 3.81
N SER A 75 -18.31 -29.76 3.62
CA SER A 75 -18.13 -30.65 4.75
C SER A 75 -17.01 -30.15 5.66
N LYS A 76 -15.88 -29.76 5.07
CA LYS A 76 -14.77 -29.22 5.84
C LYS A 76 -14.99 -27.78 6.27
N SER A 77 -16.01 -27.11 5.72
CA SER A 77 -16.25 -25.68 5.96
C SER A 77 -15.04 -24.84 5.57
N GLN A 78 -14.61 -25.00 4.31
CA GLN A 78 -13.42 -24.32 3.83
C GLN A 78 -13.66 -23.75 2.44
N VAL A 79 -13.08 -22.59 2.18
CA VAL A 79 -13.13 -21.94 0.88
C VAL A 79 -11.70 -21.70 0.41
N PHE A 80 -11.41 -22.04 -0.84
CA PHE A 80 -10.05 -22.02 -1.34
C PHE A 80 -9.89 -20.98 -2.44
N LEU A 81 -8.83 -20.17 -2.32
CA LEU A 81 -8.41 -19.23 -3.36
C LEU A 81 -7.13 -19.74 -4.01
N GLU A 82 -7.05 -19.61 -5.33
CA GLU A 82 -5.87 -20.05 -6.07
C GLU A 82 -5.56 -19.03 -7.16
N MET A 83 -4.37 -18.43 -7.09
CA MET A 83 -3.94 -17.43 -8.05
C MET A 83 -2.67 -17.90 -8.75
N ASP A 84 -2.57 -17.62 -10.06
CA ASP A 84 -1.47 -18.06 -10.88
C ASP A 84 -0.59 -16.89 -11.29
N SER A 85 0.66 -17.21 -11.66
CA SER A 85 1.60 -16.25 -12.22
C SER A 85 1.78 -15.04 -11.30
N LEU A 86 2.01 -15.31 -10.02
CA LEU A 86 2.14 -14.24 -9.04
C LEU A 86 3.38 -13.42 -9.28
N GLN A 87 3.27 -12.10 -9.08
CA GLN A 87 4.42 -11.22 -9.18
C GLN A 87 4.49 -10.30 -7.95
N THR A 88 5.40 -9.32 -7.99
CA THR A 88 5.58 -8.43 -6.85
C THR A 88 4.33 -7.60 -6.58
N ASP A 89 3.59 -7.23 -7.62
CA ASP A 89 2.41 -6.38 -7.44
C ASP A 89 1.37 -7.02 -6.54
N ASP A 90 1.36 -8.35 -6.45
CA ASP A 90 0.37 -9.06 -5.66
C ASP A 90 0.72 -9.16 -4.19
N THR A 91 1.78 -8.50 -3.74
CA THR A 91 2.09 -8.44 -2.32
C THR A 91 0.99 -7.66 -1.60
N ALA A 92 0.25 -8.34 -0.74
CA ALA A 92 -0.88 -7.71 -0.07
C ALA A 92 -1.33 -8.58 1.10
N MET A 93 -2.17 -8.01 1.94
CA MET A 93 -2.89 -8.75 2.97
C MET A 93 -4.17 -9.28 2.35
N TYR A 94 -4.35 -10.60 2.37
CA TYR A 94 -5.48 -11.25 1.72
C TYR A 94 -6.54 -11.64 2.75
N TYR A 95 -7.78 -11.22 2.51
CA TYR A 95 -8.89 -11.51 3.38
C TYR A 95 -9.92 -12.37 2.67
N CYS A 96 -10.59 -13.23 3.44
CA CYS A 96 -11.86 -13.79 3.04
C CYS A 96 -12.95 -13.17 3.90
N ALA A 97 -14.08 -12.84 3.28
CA ALA A 97 -15.19 -12.22 3.97
C ALA A 97 -16.47 -12.96 3.65
N LYS A 98 -17.41 -12.92 4.59
CA LYS A 98 -18.66 -13.66 4.52
C LYS A 98 -19.80 -12.70 4.29
N HIS A 99 -20.67 -13.02 3.33
CA HIS A 99 -21.82 -12.21 2.99
C HIS A 99 -23.04 -12.65 3.78
N ASP A 100 -24.09 -11.82 3.71
CA ASP A 100 -25.40 -12.22 4.19
C ASP A 100 -26.16 -12.81 3.01
N GLY A 101 -25.87 -14.06 2.72
CA GLY A 101 -26.49 -14.77 1.61
C GLY A 101 -25.99 -14.31 0.27
N HIS A 102 -26.31 -13.07 -0.11
CA HIS A 102 -25.97 -12.57 -1.43
C HIS A 102 -25.97 -11.04 -1.47
N GLU A 103 -26.21 -10.38 -0.35
CA GLU A 103 -26.37 -8.92 -0.39
C GLU A 103 -25.15 -8.14 0.08
N THR A 104 -24.86 -8.20 1.38
CA THR A 104 -23.85 -7.38 2.02
C THR A 104 -22.74 -8.22 2.63
N MET A 105 -21.50 -7.79 2.42
CA MET A 105 -20.30 -8.46 2.93
C MET A 105 -20.18 -8.16 4.41
N ASP A 106 -20.53 -9.14 5.24
CA ASP A 106 -20.70 -8.89 6.68
C ASP A 106 -19.38 -8.95 7.45
N TYR A 107 -18.75 -10.12 7.49
CA TYR A 107 -17.70 -10.39 8.46
C TYR A 107 -16.40 -10.78 7.75
N TRP A 108 -15.32 -10.13 8.16
CA TRP A 108 -14.00 -10.36 7.59
C TRP A 108 -13.21 -11.34 8.45
N GLY A 109 -12.20 -11.94 7.84
CA GLY A 109 -11.28 -12.80 8.55
C GLY A 109 -10.12 -12.02 9.13
N GLN A 110 -9.25 -12.75 9.83
CA GLN A 110 -8.03 -12.15 10.37
C GLN A 110 -7.15 -11.56 9.27
N GLY A 111 -7.16 -12.19 8.09
CA GLY A 111 -6.28 -11.81 7.02
C GLY A 111 -4.93 -12.51 7.13
N THR A 112 -4.35 -12.87 5.99
CA THR A 112 -3.02 -13.47 5.96
C THR A 112 -2.14 -12.62 5.05
N SER A 113 -0.95 -12.29 5.52
CA SER A 113 -0.04 -11.41 4.80
C SER A 113 0.78 -12.23 3.82
N VAL A 114 0.70 -11.89 2.54
CA VAL A 114 1.43 -12.55 1.47
C VAL A 114 2.45 -11.57 0.92
N THR A 115 3.72 -11.94 1.00
CA THR A 115 4.82 -11.13 0.48
C THR A 115 5.46 -11.87 -0.69
N VAL A 116 5.64 -11.17 -1.81
CA VAL A 116 6.23 -11.74 -3.01
C VAL A 116 7.57 -11.05 -3.25
N SER A 117 8.65 -11.81 -3.16
CA SER A 117 9.99 -11.32 -3.45
C SER A 117 10.86 -12.50 -3.85
N SER A 118 11.71 -12.30 -4.86
CA SER A 118 12.58 -13.36 -5.34
C SER A 118 13.61 -13.79 -4.32
N GLY A 119 13.88 -12.96 -3.31
CA GLY A 119 14.97 -13.15 -2.39
C GLY A 119 15.99 -12.04 -2.45
N GLY A 120 16.04 -11.30 -3.56
CA GLY A 120 16.80 -10.08 -3.69
C GLY A 120 16.17 -8.88 -3.05
N GLY A 121 15.03 -9.05 -2.37
CA GLY A 121 14.38 -7.99 -1.62
C GLY A 121 13.70 -6.92 -2.44
N GLY A 122 13.72 -7.01 -3.77
CA GLY A 122 13.28 -5.93 -4.62
C GLY A 122 14.46 -5.16 -5.20
N SER A 123 14.20 -4.46 -6.29
CA SER A 123 15.28 -3.92 -7.09
C SER A 123 15.20 -2.44 -7.42
N GLU A 124 14.05 -1.80 -7.24
CA GLU A 124 13.85 -0.45 -7.80
C GLU A 124 14.21 0.68 -6.84
N ILE A 125 14.42 0.38 -5.55
CA ILE A 125 14.62 1.37 -4.48
C ILE A 125 13.30 2.06 -4.16
N VAL A 126 12.78 1.85 -2.96
CA VAL A 126 11.52 2.42 -2.53
C VAL A 126 11.79 3.55 -1.54
N MET A 127 11.20 4.71 -1.81
CA MET A 127 11.27 5.86 -0.91
C MET A 127 9.96 5.90 -0.12
N THR A 128 10.07 5.63 1.15
CA THR A 128 8.93 5.62 2.05
C THR A 128 8.77 6.91 2.81
N GLN A 129 7.69 7.63 2.57
CA GLN A 129 7.43 8.90 3.22
C GLN A 129 6.58 8.81 4.43
N SER A 130 6.82 9.66 5.39
CA SER A 130 6.02 9.67 6.56
C SER A 130 6.01 11.08 7.02
N PRO A 131 4.84 11.62 7.31
CA PRO A 131 3.53 10.99 7.30
C PRO A 131 2.80 11.28 6.04
N LYS A 132 1.74 10.58 5.75
CA LYS A 132 1.02 10.85 4.54
C LYS A 132 0.14 12.04 4.65
N PHE A 133 -0.34 12.33 5.84
CA PHE A 133 -1.20 13.46 6.07
C PHE A 133 -0.74 14.27 7.26
N MET A 134 -1.01 15.56 7.25
CA MET A 134 -0.61 16.40 8.35
C MET A 134 -1.50 17.58 8.49
N SER A 135 -2.10 17.79 9.65
CA SER A 135 -2.90 18.97 9.88
C SER A 135 -2.09 19.84 10.80
N THR A 136 -1.80 21.05 10.36
CA THR A 136 -0.92 21.95 11.08
C THR A 136 -1.63 23.26 11.39
N SER A 137 -1.09 23.99 12.36
CA SER A 137 -1.47 25.36 12.62
C SER A 137 -0.42 26.30 12.06
N ILE A 138 -0.84 27.53 11.75
CA ILE A 138 0.11 28.53 11.26
C ILE A 138 1.17 28.77 12.32
N GLY A 139 2.44 28.70 11.92
CA GLY A 139 3.55 28.98 12.80
C GLY A 139 4.19 27.78 13.45
N ASP A 140 3.67 26.57 13.23
CA ASP A 140 4.29 25.39 13.80
C ASP A 140 5.52 24.99 12.98
N ARG A 141 6.22 23.98 13.43
CA ARG A 141 7.38 23.48 12.72
C ARG A 141 7.08 22.03 12.49
N VAL A 142 7.16 21.57 11.25
CA VAL A 142 6.82 20.21 10.94
C VAL A 142 7.86 19.46 10.16
N ASN A 143 7.95 18.15 10.36
CA ASN A 143 8.90 17.32 9.64
C ASN A 143 8.30 16.27 8.75
N ILE A 144 8.91 16.04 7.62
CA ILE A 144 8.52 15.00 6.69
C ILE A 144 9.77 14.21 6.48
N THR A 145 9.71 12.90 6.60
CA THR A 145 10.88 12.09 6.40
C THR A 145 10.67 11.15 5.28
N CYS A 146 11.75 10.72 4.67
CA CYS A 146 11.67 9.85 3.55
C CYS A 146 12.82 8.89 3.73
N LYS A 147 12.55 7.60 3.66
CA LYS A 147 13.53 6.55 3.92
C LYS A 147 13.73 5.71 2.68
N ALA A 148 15.00 5.43 2.36
CA ALA A 148 15.38 4.69 1.18
C ALA A 148 15.81 3.28 1.56
N THR A 149 15.44 2.30 0.71
CA THR A 149 15.79 0.89 0.91
C THR A 149 17.24 0.59 0.57
N GLN A 150 18.01 1.64 0.29
CA GLN A 150 19.41 1.54 -0.07
C GLN A 150 20.06 2.90 0.17
N ASN A 151 21.36 2.88 0.47
CA ASN A 151 22.11 4.13 0.60
C ASN A 151 22.12 4.85 -0.74
N VAL A 152 21.39 5.96 -0.82
CA VAL A 152 21.38 6.82 -2.00
C VAL A 152 22.23 8.06 -1.78
N ARG A 153 23.08 8.06 -0.76
CA ARG A 153 23.96 9.17 -0.42
C ARG A 153 23.16 10.46 -0.22
N THR A 154 23.36 11.44 -1.08
CA THR A 154 22.63 12.70 -1.03
C THR A 154 21.83 12.97 -2.29
N ALA A 155 21.66 11.96 -3.15
CA ALA A 155 20.93 12.11 -4.40
C ALA A 155 19.42 12.19 -4.14
N VAL A 156 19.00 13.16 -3.35
CA VAL A 156 17.60 13.29 -2.94
C VAL A 156 17.15 14.73 -3.17
N THR A 157 15.99 14.89 -3.78
CA THR A 157 15.40 16.19 -4.07
C THR A 157 14.01 16.27 -3.45
N TRP A 158 13.74 17.35 -2.73
CA TRP A 158 12.46 17.60 -2.09
C TRP A 158 11.70 18.64 -2.91
N TYR A 159 10.48 18.28 -3.32
CA TYR A 159 9.61 19.18 -4.08
C TYR A 159 8.32 19.47 -3.32
N GLN A 160 7.78 20.66 -3.60
CA GLN A 160 6.45 21.08 -3.18
C GLN A 160 5.57 21.23 -4.41
N GLN A 161 4.29 20.86 -4.28
CA GLN A 161 3.34 20.98 -5.38
C GLN A 161 2.03 21.53 -4.81
N LYS A 162 1.73 22.79 -5.14
CA LYS A 162 0.48 23.39 -4.70
C LYS A 162 -0.68 22.83 -5.53
N PRO A 163 -1.89 22.86 -4.98
CA PRO A 163 -3.03 22.22 -5.67
C PRO A 163 -3.25 22.81 -7.06
N GLY A 164 -3.30 21.93 -8.06
CA GLY A 164 -3.52 22.38 -9.42
C GLY A 164 -2.34 23.07 -10.06
N GLN A 165 -1.13 22.86 -9.54
CA GLN A 165 0.08 23.44 -10.11
C GLN A 165 1.12 22.34 -10.29
N SER A 166 2.26 22.72 -10.87
CA SER A 166 3.36 21.79 -11.10
C SER A 166 4.26 21.72 -9.87
N PRO A 167 4.98 20.61 -9.68
CA PRO A 167 5.93 20.53 -8.58
C PRO A 167 7.02 21.58 -8.73
N GLN A 168 7.62 21.97 -7.61
CA GLN A 168 8.68 22.96 -7.61
C GLN A 168 9.73 22.57 -6.57
N ALA A 169 11.00 22.65 -6.97
CA ALA A 169 12.09 22.17 -6.15
C ALA A 169 12.24 23.02 -4.89
N LEU A 170 12.17 22.36 -3.73
CA LEU A 170 12.49 23.00 -2.46
C LEU A 170 13.95 22.76 -2.08
N ILE A 171 14.34 21.50 -1.94
CA ILE A 171 15.67 21.14 -1.49
C ILE A 171 16.32 20.26 -2.56
N PHE A 172 17.61 20.44 -2.77
CA PHE A 172 18.34 19.59 -3.71
C PHE A 172 19.63 19.11 -3.07
N LEU A 173 20.02 17.89 -3.43
CA LEU A 173 21.16 17.21 -2.81
C LEU A 173 20.99 17.16 -1.30
N ALA A 174 19.83 16.65 -0.88
CA ALA A 174 19.51 16.35 0.52
C ALA A 174 19.32 17.58 1.39
N SER A 175 20.23 18.55 1.32
CA SER A 175 20.28 19.58 2.35
C SER A 175 20.41 21.01 1.83
N ASN A 176 20.37 21.25 0.53
CA ASN A 176 20.59 22.58 -0.02
C ASN A 176 19.30 23.16 -0.57
N ARG A 177 19.00 24.39 -0.18
CA ARG A 177 17.80 25.07 -0.65
C ARG A 177 17.94 25.44 -2.12
N HIS A 178 16.88 25.19 -2.89
CA HIS A 178 16.86 25.62 -4.28
C HIS A 178 16.84 27.14 -4.36
N THR A 179 17.09 27.67 -5.56
CA THR A 179 17.14 29.11 -5.73
C THR A 179 15.75 29.71 -5.51
N GLY A 180 15.69 30.78 -4.72
CA GLY A 180 14.44 31.43 -4.43
C GLY A 180 13.55 30.73 -3.43
N VAL A 181 14.11 29.81 -2.64
CA VAL A 181 13.33 29.08 -1.63
C VAL A 181 13.45 29.80 -0.30
N PRO A 182 12.36 30.04 0.41
CA PRO A 182 12.45 30.67 1.73
C PRO A 182 13.34 29.87 2.67
N ALA A 183 14.06 30.60 3.52
CA ALA A 183 15.02 29.98 4.43
C ALA A 183 14.37 29.14 5.52
N ARG A 184 13.04 29.08 5.59
CA ARG A 184 12.38 28.26 6.59
C ARG A 184 12.26 26.80 6.18
N PHE A 185 12.35 26.50 4.89
CA PHE A 185 12.48 25.13 4.42
C PHE A 185 13.93 24.68 4.55
N THR A 186 14.17 23.58 5.24
CA THR A 186 15.51 23.03 5.38
C THR A 186 15.50 21.53 5.09
N GLY A 187 16.63 21.03 4.63
CA GLY A 187 16.79 19.61 4.33
C GLY A 187 17.93 19.01 5.13
N SER A 188 17.70 17.80 5.64
CA SER A 188 18.70 17.06 6.39
C SER A 188 18.76 15.64 5.86
N GLY A 189 19.91 15.00 6.02
CA GLY A 189 20.01 13.60 5.72
C GLY A 189 21.13 13.22 4.78
N SER A 190 21.58 11.98 4.89
CA SER A 190 22.55 11.38 4.00
C SER A 190 22.51 9.87 4.20
N GLY A 191 22.40 9.12 3.12
CA GLY A 191 22.34 7.68 3.23
C GLY A 191 20.96 7.11 2.98
N THR A 192 20.23 6.82 4.05
CA THR A 192 18.93 6.18 3.94
C THR A 192 17.77 7.05 4.40
N ASP A 193 17.96 7.88 5.43
CA ASP A 193 16.89 8.69 5.98
C ASP A 193 17.11 10.17 5.63
N PHE A 194 16.03 10.85 5.25
CA PHE A 194 16.10 12.26 4.89
C PHE A 194 14.90 12.98 5.49
N THR A 195 15.08 14.26 5.80
CA THR A 195 14.10 15.02 6.55
C THR A 195 13.95 16.42 5.97
N LEU A 196 12.76 16.72 5.45
CA LEU A 196 12.37 18.07 5.09
C LEU A 196 11.68 18.72 6.29
N THR A 197 12.20 19.86 6.72
CA THR A 197 11.67 20.57 7.89
C THR A 197 11.15 21.92 7.46
N ILE A 198 9.91 22.22 7.85
CA ILE A 198 9.30 23.52 7.59
C ILE A 198 9.13 24.21 8.93
N ASN A 199 9.88 25.30 9.13
CA ASN A 199 9.67 26.20 10.25
C ASN A 199 8.75 27.33 9.82
N ASN A 200 8.00 27.86 10.78
CA ASN A 200 7.11 29.00 10.55
C ASN A 200 6.16 28.72 9.38
N VAL A 201 5.27 27.74 9.61
CA VAL A 201 4.33 27.32 8.59
C VAL A 201 3.43 28.49 8.21
N LYS A 202 3.52 28.92 6.96
CA LYS A 202 2.68 30.00 6.44
C LYS A 202 1.50 29.41 5.65
N SER A 203 0.54 30.28 5.32
CA SER A 203 -0.67 29.84 4.67
C SER A 203 -0.38 29.26 3.29
N GLU A 204 0.57 29.87 2.55
CA GLU A 204 0.87 29.39 1.22
C GLU A 204 1.56 28.04 1.20
N ASP A 205 2.01 27.54 2.37
CA ASP A 205 2.63 26.24 2.45
C ASP A 205 1.65 25.10 2.23
N LEU A 206 0.35 25.38 2.21
CA LEU A 206 -0.65 24.34 1.96
C LEU A 206 -0.44 23.73 0.59
N ALA A 207 0.14 22.54 0.55
CA ALA A 207 0.51 21.89 -0.71
C ALA A 207 0.80 20.42 -0.42
N ASP A 208 1.38 19.74 -1.41
CA ASP A 208 1.73 18.33 -1.32
C ASP A 208 3.23 18.22 -1.52
N TYR A 209 3.92 17.64 -0.53
CA TYR A 209 5.37 17.56 -0.55
C TYR A 209 5.83 16.14 -0.81
N PHE A 210 6.96 16.00 -1.51
CA PHE A 210 7.45 14.65 -1.78
C PHE A 210 8.95 14.65 -2.07
N CYS A 211 9.56 13.51 -1.81
CA CYS A 211 10.98 13.25 -2.04
C CYS A 211 11.18 12.52 -3.36
N LEU A 212 12.43 12.56 -3.84
CA LEU A 212 12.80 11.83 -5.04
C LEU A 212 14.26 11.43 -4.92
N GLN A 213 14.56 10.16 -5.18
CA GLN A 213 15.94 9.72 -5.24
C GLN A 213 16.40 9.70 -6.70
N HIS A 214 17.66 10.05 -6.91
CA HIS A 214 18.24 9.97 -8.23
C HIS A 214 19.62 9.34 -8.17
N TRP A 215 19.79 8.36 -7.27
CA TRP A 215 21.03 7.60 -7.22
C TRP A 215 21.09 6.59 -8.36
N ASN A 216 20.10 5.72 -8.45
CA ASN A 216 20.10 4.65 -9.44
C ASN A 216 18.78 4.61 -10.19
N TYR A 217 18.82 4.09 -11.41
CA TYR A 217 17.61 3.95 -12.21
C TYR A 217 16.77 2.79 -11.66
N PRO A 218 15.43 2.92 -11.69
CA PRO A 218 14.73 4.13 -12.13
C PRO A 218 14.63 5.16 -11.02
N LEU A 219 14.45 6.43 -11.38
CA LEU A 219 14.15 7.43 -10.38
C LEU A 219 12.81 7.12 -9.73
N THR A 220 12.76 7.18 -8.41
CA THR A 220 11.56 6.83 -7.68
C THR A 220 11.21 7.95 -6.70
N PHE A 221 9.92 8.22 -6.57
CA PHE A 221 9.41 9.26 -5.69
C PHE A 221 8.85 8.67 -4.40
N GLY A 222 8.69 9.53 -3.40
CA GLY A 222 7.93 9.17 -2.23
C GLY A 222 6.44 9.24 -2.48
N SER A 223 5.68 8.55 -1.63
CA SER A 223 4.24 8.46 -1.83
C SER A 223 3.54 9.81 -1.70
N GLY A 224 4.20 10.80 -1.08
CA GLY A 224 3.65 12.13 -0.95
C GLY A 224 3.20 12.42 0.48
N THR A 225 2.92 13.70 0.72
CA THR A 225 2.46 14.17 2.02
C THR A 225 1.66 15.45 1.82
N LYS A 226 0.38 15.42 2.19
CA LYS A 226 -0.47 16.60 2.10
C LYS A 226 -0.41 17.39 3.40
N LEU A 227 -0.26 18.71 3.28
CA LEU A 227 -0.20 19.61 4.42
C LEU A 227 -1.52 20.39 4.47
N GLU A 228 -2.30 20.18 5.53
CA GLU A 228 -3.49 20.97 5.80
C GLU A 228 -3.20 21.95 6.91
N ILE A 229 -3.91 23.08 6.89
CA ILE A 229 -3.73 24.14 7.86
C ILE A 229 -5.05 24.39 8.57
N LYS A 230 -5.02 24.41 9.89
CA LYS A 230 -6.22 24.61 10.70
C LYS A 230 -6.72 26.05 10.65
#